data_8A4O
#
_entry.id   8A4O
#
_cell.length_a   69.050
_cell.length_b   69.050
_cell.length_c   232.590
_cell.angle_alpha   90.000
_cell.angle_beta   90.000
_cell.angle_gamma   120.000
#
_symmetry.space_group_name_H-M   'P 61 2 2'
#
loop_
_entity.id
_entity.type
_entity.pdbx_description
1 polymer 'Effector protein Uvi2'
2 water water
#
_entity_poly.entity_id   1
_entity_poly.type   'polypeptide(L)'
_entity_poly.pdbx_seq_one_letter_code
;(MSE)GHHHHHHHS(MSE)DITFTADKFARRAEEAAPVAVKPPRNPEFGIFLNNRYLLHNGEGLPKPKDVKETYPECKWR
KYGQWAWLDENNVQCYLGPSYKYHAYSPAKNFDPVPSIQRGACADTANPQDFPQGIPRYTISVPYLYFNNFYDRRCKVRA
LVKVPQTDKEKEHWIQAWVVEHNGGNWSTKSGDLGPNGPQEGI(MSE)LDTKLYPKFLNSGDKDIGVLPNKVEWFFLDIN
TIG
;
_entity_poly.pdbx_strand_id   D
#
# COMPACT_ATOMS: atom_id res chain seq x y z
N PRO A 35 -24.62 7.26 -2.77
CA PRO A 35 -24.12 8.55 -2.24
C PRO A 35 -22.80 8.97 -2.86
N ARG A 36 -22.52 10.28 -2.84
CA ARG A 36 -21.29 10.81 -3.43
C ARG A 36 -20.08 10.32 -2.61
N ASN A 37 -19.08 9.88 -3.34
CA ASN A 37 -17.87 9.36 -2.73
C ASN A 37 -16.72 9.86 -3.56
N PRO A 38 -15.87 10.72 -3.05
CA PRO A 38 -15.88 11.24 -1.68
C PRO A 38 -17.07 12.18 -1.45
N GLU A 39 -17.44 12.35 -0.15
CA GLU A 39 -18.60 13.17 0.19
CA GLU A 39 -18.60 13.17 0.19
C GLU A 39 -18.38 14.62 -0.21
N PHE A 40 -17.13 15.09 -0.10
CA PHE A 40 -16.82 16.49 -0.39
C PHE A 40 -15.56 16.57 -1.24
N GLY A 41 -15.42 17.69 -1.94
CA GLY A 41 -14.18 17.91 -2.69
C GLY A 41 -14.17 17.21 -4.04
N ILE A 42 -12.98 17.30 -4.66
CA ILE A 42 -12.80 16.73 -5.99
C ILE A 42 -12.81 15.21 -5.92
N PHE A 43 -13.04 14.63 -7.09
CA PHE A 43 -12.89 13.18 -7.32
C PHE A 43 -11.41 12.91 -7.54
N LEU A 44 -10.70 12.62 -6.45
CA LEU A 44 -9.24 12.47 -6.46
C LEU A 44 -8.84 11.27 -7.31
N ASN A 45 -9.61 10.15 -7.24
CA ASN A 45 -9.27 9.00 -8.05
C ASN A 45 -9.29 9.35 -9.53
N ASN A 46 -10.31 10.08 -10.00
CA ASN A 46 -10.37 10.45 -11.40
C ASN A 46 -9.16 11.30 -11.80
N ARG A 47 -8.69 12.19 -10.91
CA ARG A 47 -7.57 13.01 -11.30
C ARG A 47 -6.33 12.16 -11.59
N TYR A 48 -6.14 11.05 -10.90
CA TYR A 48 -5.03 10.16 -11.19
C TYR A 48 -5.36 9.22 -12.35
N LEU A 49 -6.49 8.53 -12.28
CA LEU A 49 -6.76 7.50 -13.28
C LEU A 49 -6.96 8.09 -14.66
N LEU A 50 -7.58 9.26 -14.80
CA LEU A 50 -7.88 9.88 -16.08
C LEU A 50 -6.91 10.98 -16.44
N HIS A 51 -6.21 11.60 -15.45
CA HIS A 51 -5.40 12.77 -15.74
C HIS A 51 -4.03 12.71 -15.10
N ASN A 52 -3.61 11.54 -14.63
CA ASN A 52 -2.24 11.31 -14.20
C ASN A 52 -1.80 12.22 -13.06
N GLY A 53 -2.73 12.78 -12.31
CA GLY A 53 -2.34 13.66 -11.21
C GLY A 53 -2.19 15.12 -11.63
N GLU A 54 -2.59 15.46 -12.88
CA GLU A 54 -2.34 16.79 -13.37
C GLU A 54 -3.00 17.81 -12.42
N GLY A 55 -2.32 18.86 -12.19
CA GLY A 55 -2.77 19.98 -11.41
C GLY A 55 -2.57 19.80 -9.93
N LEU A 56 -2.00 18.75 -9.48
CA LEU A 56 -1.71 18.44 -8.09
C LEU A 56 -0.21 18.47 -7.87
N PRO A 57 0.24 18.71 -6.66
CA PRO A 57 1.69 18.82 -6.42
C PRO A 57 2.40 17.52 -6.71
N LYS A 58 3.69 17.66 -7.04
CA LYS A 58 4.54 16.49 -7.15
C LYS A 58 4.70 15.81 -5.79
N PRO A 59 4.85 14.50 -5.77
CA PRO A 59 4.85 13.81 -4.49
C PRO A 59 6.11 13.95 -3.70
N LYS A 60 5.94 13.86 -2.39
CA LYS A 60 7.02 13.66 -1.43
C LYS A 60 6.87 12.23 -0.92
N ASP A 61 7.87 11.75 -0.16
CA ASP A 61 7.87 10.40 0.39
C ASP A 61 7.20 10.46 1.75
N VAL A 62 6.27 9.54 2.02
CA VAL A 62 5.65 9.44 3.35
C VAL A 62 6.65 9.17 4.45
N LYS A 63 7.81 8.58 4.16
CA LYS A 63 8.81 8.44 5.23
C LYS A 63 9.18 9.79 5.83
N GLU A 64 9.16 10.88 5.08
CA GLU A 64 9.52 12.18 5.64
C GLU A 64 8.50 12.72 6.60
N THR A 65 7.30 12.16 6.61
CA THR A 65 6.28 12.59 7.55
C THR A 65 6.61 12.12 8.96
N TYR A 66 7.42 11.10 9.12
CA TYR A 66 7.69 10.50 10.45
C TYR A 66 9.07 9.82 10.46
N PRO A 67 10.14 10.60 10.41
CA PRO A 67 11.48 10.01 10.37
C PRO A 67 11.76 9.13 11.59
N GLU A 68 11.18 9.46 12.74
CA GLU A 68 11.48 8.73 13.95
C GLU A 68 10.64 7.47 14.08
N CYS A 69 9.80 7.13 13.09
CA CYS A 69 9.07 5.88 13.15
CA CYS A 69 9.07 5.88 13.15
C CYS A 69 9.99 4.88 12.45
N LYS A 70 10.65 4.06 13.24
CA LYS A 70 11.74 3.15 12.82
C LYS A 70 11.52 1.75 13.34
N TRP A 71 12.27 0.79 12.77
CA TRP A 71 12.29 -0.58 13.22
C TRP A 71 13.18 -0.65 14.42
N ARG A 72 12.60 -0.92 15.57
CA ARG A 72 13.31 -0.90 16.84
C ARG A 72 12.89 -2.04 17.71
N LYS A 73 13.72 -2.40 18.69
CA LYS A 73 13.44 -3.51 19.61
C LYS A 73 12.95 -2.95 20.95
N TYR A 74 11.78 -3.40 21.39
CA TYR A 74 11.26 -3.10 22.76
C TYR A 74 10.70 -4.46 23.31
N GLY A 75 11.60 -5.33 23.70
CA GLY A 75 11.03 -6.67 23.90
C GLY A 75 10.80 -7.47 22.63
N GLN A 76 9.99 -6.94 21.66
CA GLN A 76 10.06 -7.50 20.30
C GLN A 76 10.45 -6.39 19.33
N TRP A 77 10.88 -6.75 18.14
CA TRP A 77 11.09 -5.78 17.05
C TRP A 77 9.74 -5.33 16.46
N ALA A 78 9.63 -4.02 16.26
CA ALA A 78 8.35 -3.42 15.83
C ALA A 78 8.64 -2.05 15.27
N TRP A 79 7.63 -1.46 14.61
CA TRP A 79 7.68 -0.04 14.24
C TRP A 79 7.36 0.83 15.47
N LEU A 80 8.37 1.54 15.95
CA LEU A 80 8.31 2.29 17.21
C LEU A 80 8.97 3.64 17.02
N ASP A 81 8.44 4.63 17.76
CA ASP A 81 9.04 5.97 17.72
C ASP A 81 10.19 6.08 18.73
N GLU A 82 10.71 7.29 18.93
CA GLU A 82 11.86 7.50 19.79
C GLU A 82 11.54 7.37 21.27
N ASN A 83 10.23 7.24 21.60
CA ASN A 83 9.77 7.03 22.97
C ASN A 83 9.18 5.63 23.13
N ASN A 84 9.49 4.76 22.17
CA ASN A 84 9.02 3.40 22.18
C ASN A 84 7.49 3.31 22.12
N VAL A 85 6.85 4.26 21.44
CA VAL A 85 5.41 4.16 21.19
C VAL A 85 5.18 3.62 19.79
N GLN A 86 4.28 2.65 19.68
CA GLN A 86 3.89 2.09 18.36
C GLN A 86 3.57 3.19 17.39
N CYS A 87 3.99 3.11 16.15
CA CYS A 87 3.75 4.16 15.19
C CYS A 87 3.47 3.55 13.84
N TYR A 88 2.73 4.26 13.00
CA TYR A 88 2.41 3.80 11.66
C TYR A 88 2.27 5.00 10.77
N LEU A 89 2.27 4.80 9.46
CA LEU A 89 2.27 5.84 8.45
C LEU A 89 1.00 5.89 7.65
N GLY A 90 0.70 7.06 7.08
CA GLY A 90 -0.52 7.25 6.28
C GLY A 90 -0.24 7.92 4.94
N PRO A 91 0.31 7.17 3.99
CA PRO A 91 0.58 7.77 2.67
C PRO A 91 -0.70 8.27 2.01
N SER A 92 -0.60 9.48 1.41
CA SER A 92 -1.69 10.21 0.81
C SER A 92 -1.24 10.62 -0.58
N TYR A 93 -2.15 11.35 -1.29
CA TYR A 93 -1.74 11.79 -2.63
C TYR A 93 -0.56 12.76 -2.57
N LYS A 94 -0.32 13.44 -1.47
CA LYS A 94 0.83 14.32 -1.32
C LYS A 94 2.09 13.58 -0.87
N TYR A 95 1.97 12.50 -0.11
CA TYR A 95 3.12 11.76 0.46
C TYR A 95 2.95 10.31 0.09
N HIS A 96 3.54 9.92 -1.04
CA HIS A 96 3.39 8.55 -1.51
C HIS A 96 4.32 7.63 -0.69
N ALA A 97 3.94 6.37 -0.65
CA ALA A 97 4.76 5.28 -0.18
C ALA A 97 5.51 4.67 -1.34
N TYR A 98 6.71 4.22 -1.08
CA TYR A 98 7.52 3.52 -2.07
C TYR A 98 8.01 2.25 -1.39
N SER A 99 7.43 1.10 -1.81
CA SER A 99 7.51 -0.10 -1.03
C SER A 99 8.03 -1.31 -1.81
N PRO A 100 8.89 -2.15 -1.23
CA PRO A 100 9.29 -3.39 -1.91
C PRO A 100 8.11 -4.37 -1.96
N ALA A 101 7.89 -5.01 -3.09
CA ALA A 101 6.63 -5.76 -3.31
C ALA A 101 6.85 -7.18 -3.78
N LYS A 102 6.15 -8.11 -3.19
CA LYS A 102 5.99 -9.49 -3.62
C LYS A 102 4.60 -9.66 -4.23
N ASN A 103 4.31 -10.83 -4.75
CA ASN A 103 2.96 -11.12 -5.20
C ASN A 103 2.23 -11.93 -4.12
N PHE A 104 0.90 -11.96 -4.27
CA PHE A 104 0.05 -12.86 -3.44
C PHE A 104 -1.22 -13.21 -4.23
N ASP A 105 -1.83 -14.34 -3.77
CA ASP A 105 -3.08 -14.86 -4.30
C ASP A 105 -4.22 -14.21 -3.53
N PRO A 106 -5.02 -13.33 -4.12
CA PRO A 106 -6.06 -12.66 -3.31
C PRO A 106 -7.19 -13.58 -2.93
N VAL A 107 -7.43 -14.73 -3.53
CA VAL A 107 -8.59 -15.57 -3.25
C VAL A 107 -8.56 -16.11 -1.81
N PRO A 108 -7.50 -16.73 -1.31
CA PRO A 108 -7.53 -17.19 0.12
C PRO A 108 -7.55 -16.01 1.06
N SER A 109 -6.98 -14.87 0.70
CA SER A 109 -7.04 -13.70 1.57
C SER A 109 -8.46 -13.24 1.72
N ILE A 110 -9.20 -13.11 0.62
CA ILE A 110 -10.58 -12.68 0.65
C ILE A 110 -11.40 -13.65 1.49
N GLN A 111 -11.12 -14.95 1.39
CA GLN A 111 -11.89 -15.95 2.12
C GLN A 111 -11.58 -15.98 3.59
N ARG A 112 -10.30 -15.89 3.99
CA ARG A 112 -9.92 -16.25 5.36
C ARG A 112 -8.72 -15.45 5.88
N GLY A 113 -8.30 -14.38 5.22
CA GLY A 113 -7.18 -13.55 5.65
C GLY A 113 -7.62 -12.48 6.67
N ALA A 114 -6.77 -11.52 6.83
CA ALA A 114 -6.91 -10.52 7.91
C ALA A 114 -8.10 -9.64 7.76
N CYS A 115 -8.64 -9.55 6.58
CA CYS A 115 -9.74 -8.68 6.25
C CYS A 115 -11.03 -9.43 5.90
N ALA A 116 -11.06 -10.76 6.16
CA ALA A 116 -12.14 -11.57 5.64
C ALA A 116 -13.44 -11.28 6.36
N ASP A 117 -13.40 -10.81 7.60
CA ASP A 117 -14.61 -10.51 8.36
C ASP A 117 -14.93 -9.02 8.37
N THR A 118 -14.19 -8.20 7.66
CA THR A 118 -14.49 -6.77 7.56
C THR A 118 -15.74 -6.54 6.74
N ALA A 119 -16.63 -5.65 7.24
CA ALA A 119 -17.82 -5.36 6.45
C ALA A 119 -17.46 -4.70 5.13
N ASN A 120 -18.18 -5.04 4.06
CA ASN A 120 -17.90 -4.40 2.77
C ASN A 120 -18.28 -2.93 2.85
N PRO A 121 -17.31 -2.00 2.64
CA PRO A 121 -17.62 -0.58 2.71
C PRO A 121 -18.21 -0.04 1.40
N GLN A 122 -18.43 1.27 1.42
CA GLN A 122 -19.02 1.95 0.27
C GLN A 122 -18.14 1.69 -0.96
N ASP A 123 -18.87 1.34 -2.02
CA ASP A 123 -18.29 1.13 -3.32
C ASP A 123 -17.42 -0.11 -3.47
N PHE A 124 -17.33 -0.96 -2.44
CA PHE A 124 -16.55 -2.21 -2.59
C PHE A 124 -17.18 -3.11 -3.66
N PRO A 125 -16.37 -3.66 -4.54
CA PRO A 125 -16.89 -4.54 -5.60
C PRO A 125 -17.61 -5.76 -5.05
N GLN A 126 -18.41 -6.35 -5.94
CA GLN A 126 -18.88 -7.71 -5.76
C GLN A 126 -17.73 -8.64 -6.23
N GLY A 127 -17.50 -9.69 -5.51
CA GLY A 127 -16.51 -10.64 -5.98
C GLY A 127 -15.12 -10.14 -5.76
N ILE A 128 -14.19 -10.69 -6.53
CA ILE A 128 -12.77 -10.42 -6.34
C ILE A 128 -12.46 -9.10 -7.05
N PRO A 129 -11.94 -8.09 -6.35
CA PRO A 129 -11.65 -6.81 -7.01
C PRO A 129 -10.59 -7.00 -8.09
N ARG A 130 -10.60 -6.15 -9.12
CA ARG A 130 -9.62 -6.29 -10.22
C ARG A 130 -8.18 -6.18 -9.73
N TYR A 131 -7.87 -5.25 -8.85
CA TYR A 131 -6.54 -5.02 -8.32
C TYR A 131 -6.62 -5.06 -6.80
N THR A 132 -5.75 -5.82 -6.18
CA THR A 132 -5.72 -5.96 -4.72
C THR A 132 -4.30 -5.87 -4.20
N ILE A 133 -4.14 -5.36 -3.00
CA ILE A 133 -2.83 -5.26 -2.34
C ILE A 133 -2.95 -5.76 -0.90
N SER A 134 -1.82 -6.08 -0.30
CA SER A 134 -1.67 -6.39 1.12
C SER A 134 -0.62 -5.43 1.69
N VAL A 135 -0.84 -5.00 2.93
CA VAL A 135 0.10 -4.07 3.58
C VAL A 135 0.61 -4.61 4.92
N PRO A 136 1.81 -4.16 5.30
CA PRO A 136 2.38 -4.52 6.61
C PRO A 136 2.05 -3.52 7.73
N TYR A 137 2.52 -3.87 8.92
CA TYR A 137 2.21 -3.10 10.14
CA TYR A 137 2.22 -3.11 10.13
C TYR A 137 2.73 -1.67 10.09
N LEU A 138 3.64 -1.33 9.19
CA LEU A 138 4.03 0.03 9.02
C LEU A 138 2.85 0.91 8.70
N TYR A 139 1.72 0.37 8.21
CA TYR A 139 0.61 1.15 7.73
C TYR A 139 -0.71 0.85 8.44
N PHE A 140 -0.76 0.24 9.60
CA PHE A 140 -2.06 0.06 10.27
C PHE A 140 -1.86 -0.12 11.76
N ASN A 141 -2.99 -0.03 12.45
CA ASN A 141 -3.15 -0.54 13.83
C ASN A 141 -4.17 -1.67 13.82
N ASN A 142 -3.81 -2.83 14.30
CA ASN A 142 -4.64 -4.03 14.04
C ASN A 142 -5.89 -4.13 14.85
N PHE A 143 -6.05 -3.26 15.88
CA PHE A 143 -7.27 -3.23 16.66
C PHE A 143 -8.25 -2.15 16.17
N TYR A 144 -7.73 -0.97 15.82
CA TYR A 144 -8.54 0.22 15.70
C TYR A 144 -8.39 0.99 14.41
N ASP A 145 -7.47 0.61 13.53
CA ASP A 145 -7.26 1.34 12.28
C ASP A 145 -6.60 0.37 11.30
N ARG A 146 -7.43 -0.62 10.97
CA ARG A 146 -6.93 -1.78 10.26
C ARG A 146 -6.71 -1.60 8.79
N ARG A 147 -7.39 -0.64 8.19
CA ARG A 147 -7.20 -0.31 6.77
C ARG A 147 -7.49 -1.54 5.92
N CYS A 148 -8.43 -2.33 6.36
CA CYS A 148 -8.96 -3.42 5.61
C CYS A 148 -10.10 -2.88 4.72
N LYS A 149 -10.08 -3.34 3.45
CA LYS A 149 -11.10 -2.94 2.43
C LYS A 149 -11.13 -1.42 2.32
N VAL A 150 -9.97 -0.85 2.09
CA VAL A 150 -9.84 0.57 1.74
C VAL A 150 -9.20 0.71 0.38
N ARG A 151 -9.37 1.87 -0.22
CA ARG A 151 -8.86 2.11 -1.58
C ARG A 151 -7.44 2.63 -1.54
N ALA A 152 -6.62 2.15 -2.48
CA ALA A 152 -5.24 2.60 -2.66
C ALA A 152 -5.02 2.88 -4.12
N LEU A 153 -4.31 3.91 -4.48
CA LEU A 153 -3.90 4.10 -5.89
C LEU A 153 -2.47 3.61 -5.99
N VAL A 154 -2.16 2.92 -7.09
CA VAL A 154 -0.84 2.31 -7.35
C VAL A 154 -0.38 2.80 -8.72
N LYS A 155 0.88 3.26 -8.80
CA LYS A 155 1.42 3.74 -10.08
C LYS A 155 2.08 2.56 -10.81
N VAL A 156 1.70 2.37 -12.07
CA VAL A 156 2.28 1.34 -12.95
C VAL A 156 3.18 2.09 -13.93
N PRO A 157 4.50 2.07 -13.79
CA PRO A 157 5.38 2.82 -14.69
C PRO A 157 5.38 2.26 -16.10
N GLN A 158 5.84 3.09 -17.04
CA GLN A 158 5.99 2.58 -18.42
C GLN A 158 6.96 1.40 -18.45
N THR A 159 6.57 0.42 -19.24
CA THR A 159 7.45 -0.70 -19.55
C THR A 159 7.34 -0.97 -21.03
N ASP A 160 7.94 -2.05 -21.53
CA ASP A 160 7.79 -2.40 -22.92
C ASP A 160 6.36 -2.76 -23.29
N LYS A 161 5.54 -3.11 -22.29
CA LYS A 161 4.18 -3.49 -22.51
C LYS A 161 3.18 -2.41 -22.10
N GLU A 162 3.47 -1.67 -21.02
CA GLU A 162 2.53 -0.81 -20.36
C GLU A 162 2.91 0.64 -20.57
N LYS A 163 1.93 1.51 -20.88
CA LYS A 163 2.13 2.95 -20.69
C LYS A 163 2.06 3.26 -19.23
N GLU A 164 2.72 4.31 -18.84
CA GLU A 164 2.59 4.76 -17.46
C GLU A 164 1.15 5.15 -17.14
N HIS A 165 0.69 4.64 -16.00
CA HIS A 165 -0.66 4.98 -15.60
C HIS A 165 -0.84 4.58 -14.15
N TRP A 166 -1.90 5.13 -13.54
CA TRP A 166 -2.34 4.75 -12.21
C TRP A 166 -3.51 3.77 -12.26
N ILE A 167 -3.57 2.89 -11.26
CA ILE A 167 -4.70 2.01 -11.05
C ILE A 167 -5.26 2.21 -9.66
N GLN A 168 -6.51 1.78 -9.47
CA GLN A 168 -7.13 1.76 -8.15
C GLN A 168 -7.26 0.35 -7.63
N ALA A 169 -6.68 0.09 -6.47
CA ALA A 169 -6.69 -1.21 -5.87
C ALA A 169 -7.37 -1.15 -4.53
N TRP A 170 -7.79 -2.27 -4.00
CA TRP A 170 -8.32 -2.40 -2.62
C TRP A 170 -7.32 -3.15 -1.76
N VAL A 171 -7.11 -2.69 -0.53
CA VAL A 171 -6.33 -3.42 0.46
C VAL A 171 -7.24 -4.52 0.93
N VAL A 172 -6.79 -5.77 0.82
CA VAL A 172 -7.60 -6.90 1.24
C VAL A 172 -6.88 -7.86 2.20
N GLU A 173 -5.67 -7.49 2.65
CA GLU A 173 -4.86 -8.40 3.45
C GLU A 173 -3.82 -7.58 4.19
N HIS A 174 -3.31 -8.23 5.24
CA HIS A 174 -2.14 -7.75 5.95
C HIS A 174 -1.02 -8.79 5.82
N ASN A 175 0.23 -8.35 5.84
CA ASN A 175 1.35 -9.28 5.71
C ASN A 175 2.50 -8.88 6.58
N GLY A 176 3.45 -9.79 6.73
CA GLY A 176 4.67 -9.53 7.46
C GLY A 176 5.54 -8.51 6.76
N GLY A 177 5.96 -8.85 5.54
CA GLY A 177 6.69 -7.87 4.77
C GLY A 177 8.18 -7.67 5.06
N ASN A 178 8.84 -8.69 5.56
CA ASN A 178 10.28 -8.70 5.81
C ASN A 178 11.06 -9.01 4.54
N TRP A 179 10.96 -8.08 3.57
CA TRP A 179 11.69 -8.17 2.30
C TRP A 179 12.06 -6.79 1.83
N SER A 180 13.01 -6.73 0.93
CA SER A 180 13.49 -5.49 0.32
C SER A 180 13.61 -5.77 -1.15
N THR A 181 13.98 -4.78 -1.95
CA THR A 181 14.13 -5.04 -3.40
C THR A 181 15.28 -5.97 -3.70
N LYS A 182 16.17 -6.17 -2.74
CA LYS A 182 17.36 -7.00 -2.95
C LYS A 182 17.26 -8.37 -2.27
N SER A 183 16.27 -8.59 -1.42
CA SER A 183 16.19 -9.84 -0.68
C SER A 183 14.75 -10.18 -0.36
N GLY A 184 14.29 -11.34 -0.69
CA GLY A 184 13.01 -11.84 -0.39
C GLY A 184 12.80 -12.18 1.09
N ASP A 185 13.88 -12.14 1.87
CA ASP A 185 13.80 -12.59 3.29
C ASP A 185 14.90 -11.91 4.13
N LEU A 186 14.48 -10.93 4.91
CA LEU A 186 15.37 -10.20 5.81
C LEU A 186 15.49 -10.86 7.19
N GLY A 187 15.02 -12.07 7.33
CA GLY A 187 15.15 -12.81 8.56
C GLY A 187 13.94 -12.62 9.42
N PRO A 188 13.78 -13.48 10.44
CA PRO A 188 12.54 -13.45 11.20
C PRO A 188 12.23 -12.12 11.85
N ASN A 189 13.25 -11.41 12.31
CA ASN A 189 13.13 -10.12 12.99
C ASN A 189 13.48 -8.96 12.10
N GLY A 190 13.52 -9.11 10.78
CA GLY A 190 13.94 -8.04 9.92
C GLY A 190 12.83 -7.01 9.72
N PRO A 191 13.17 -5.81 9.25
CA PRO A 191 12.16 -4.74 9.10
C PRO A 191 10.99 -5.16 8.27
N GLN A 192 9.79 -4.68 8.58
CA GLN A 192 8.53 -5.06 7.96
C GLN A 192 7.96 -3.91 7.09
N GLU A 193 8.60 -3.62 5.95
CA GLU A 193 8.21 -2.54 5.05
C GLU A 193 7.48 -3.06 3.81
N GLY A 194 7.52 -4.34 3.53
CA GLY A 194 7.12 -4.81 2.20
C GLY A 194 5.62 -4.98 2.08
N ILE A 195 5.12 -4.74 0.85
CA ILE A 195 3.72 -4.91 0.48
C ILE A 195 3.60 -6.14 -0.46
N LEU A 197 1.25 -7.42 -4.02
CA LEU A 197 0.36 -7.13 -5.13
C LEU A 197 -0.26 -8.41 -5.64
N ASP A 198 -1.50 -8.36 -6.09
CA ASP A 198 -2.10 -9.60 -6.61
C ASP A 198 -1.31 -10.16 -7.77
N THR A 199 -1.47 -11.46 -8.00
CA THR A 199 -0.64 -12.11 -9.01
C THR A 199 -0.84 -11.59 -10.42
N LYS A 200 -1.94 -10.94 -10.74
CA LYS A 200 -2.09 -10.41 -12.07
C LYS A 200 -1.65 -8.93 -12.21
N LEU A 201 -1.50 -8.22 -11.11
CA LEU A 201 -0.97 -6.86 -11.10
C LEU A 201 0.57 -6.88 -11.09
N TYR A 202 1.14 -7.77 -10.28
CA TYR A 202 2.61 -7.86 -10.19
C TYR A 202 3.34 -7.91 -11.50
N PRO A 203 2.98 -8.74 -12.49
CA PRO A 203 3.77 -8.81 -13.72
C PRO A 203 3.69 -7.53 -14.55
N LYS A 204 2.77 -6.64 -14.25
CA LYS A 204 2.73 -5.38 -15.01
C LYS A 204 3.91 -4.51 -14.70
N PHE A 205 4.64 -4.81 -13.62
CA PHE A 205 5.84 -4.06 -13.23
C PHE A 205 7.08 -4.54 -13.94
N LEU A 206 7.00 -5.65 -14.65
CA LEU A 206 8.20 -6.22 -15.28
C LEU A 206 8.27 -5.88 -16.76
N ASN A 207 9.49 -5.75 -17.28
CA ASN A 207 9.70 -5.72 -18.72
C ASN A 207 9.91 -7.16 -19.19
N SER A 208 9.92 -7.38 -20.51
CA SER A 208 10.11 -8.70 -21.10
C SER A 208 11.48 -9.21 -20.78
N GLY A 209 12.44 -8.32 -20.42
CA GLY A 209 13.71 -8.77 -19.89
C GLY A 209 13.61 -9.86 -18.83
N ASP A 212 12.78 -12.24 -12.68
CA ASP A 212 11.93 -12.01 -11.48
C ASP A 212 12.39 -12.85 -10.25
N ILE A 213 12.98 -12.20 -9.24
CA ILE A 213 13.47 -12.93 -8.05
C ILE A 213 12.41 -13.18 -6.99
N GLY A 214 11.16 -12.80 -7.25
CA GLY A 214 10.15 -12.86 -6.20
C GLY A 214 9.81 -11.54 -5.51
N VAL A 215 10.69 -10.54 -5.47
CA VAL A 215 10.41 -9.15 -5.15
C VAL A 215 10.69 -8.31 -6.39
N LEU A 216 9.84 -7.35 -6.67
CA LEU A 216 10.12 -6.51 -7.83
C LEU A 216 11.42 -5.75 -7.62
N PRO A 217 12.15 -5.45 -8.68
CA PRO A 217 13.46 -4.79 -8.51
C PRO A 217 13.35 -3.35 -8.14
N ASN A 218 12.23 -2.72 -8.44
CA ASN A 218 11.98 -1.32 -8.07
C ASN A 218 10.89 -1.28 -7.03
N LYS A 219 10.98 -0.32 -6.13
CA LYS A 219 9.92 -0.09 -5.19
C LYS A 219 8.67 0.35 -5.95
N VAL A 220 7.51 -0.01 -5.41
CA VAL A 220 6.19 0.30 -5.94
C VAL A 220 5.66 1.55 -5.23
N GLU A 221 5.18 2.51 -6.01
CA GLU A 221 4.67 3.79 -5.54
C GLU A 221 3.15 3.70 -5.38
N TRP A 222 2.65 4.08 -4.21
CA TRP A 222 1.24 3.93 -3.91
C TRP A 222 0.83 4.87 -2.78
N PHE A 223 -0.48 5.05 -2.61
CA PHE A 223 -0.97 5.79 -1.45
C PHE A 223 -2.41 5.39 -1.19
N PHE A 224 -2.88 5.73 0.03
CA PHE A 224 -4.26 5.53 0.40
C PHE A 224 -5.08 6.67 -0.16
N LEU A 225 -6.06 6.32 -1.00
CA LEU A 225 -6.83 7.31 -1.72
C LEU A 225 -7.53 8.28 -0.79
N ASP A 226 -8.19 7.73 0.22
CA ASP A 226 -9.11 8.50 1.06
C ASP A 226 -8.48 9.03 2.31
N ILE A 227 -7.16 9.01 2.43
CA ILE A 227 -6.45 9.45 3.64
C ILE A 227 -5.62 10.62 3.25
N ASN A 228 -6.07 11.82 3.61
CA ASN A 228 -5.37 13.06 3.29
C ASN A 228 -5.31 13.86 4.57
N THR A 229 -4.24 13.61 5.39
CA THR A 229 -4.18 14.04 6.76
C THR A 229 -2.91 14.74 7.15
N ILE A 230 -1.97 14.93 6.20
CA ILE A 230 -0.67 15.55 6.51
C ILE A 230 -0.41 16.63 5.45
N GLY A 231 -0.09 17.81 5.87
CA GLY A 231 0.18 18.90 4.98
C GLY A 231 1.58 18.82 4.35
#